data_2KBD
#
_entry.id   2KBD
#
_cell.length_a   1.000
_cell.length_b   1.000
_cell.length_c   1.000
_cell.angle_alpha   90.00
_cell.angle_beta   90.00
_cell.angle_gamma   90.00
#
_symmetry.space_group_name_H-M   'P 1'
#
loop_
_entity.id
_entity.type
_entity.pdbx_description
1 polymer "DNA (5'-D(*CP*TP*GP*GP*GP*GP*AP*CP*TP*TP*TP*CP*CP*AP*GP*G)-3')"
2 polymer "DNA (5'-D(*CP*CP*TP*GP*GP*AP*AP*AP*GP*TP*CP*CP*CP*CP*AP*G)-3')"
#
loop_
_entity_poly.entity_id
_entity_poly.type
_entity_poly.pdbx_seq_one_letter_code
_entity_poly.pdbx_strand_id
1 'polydeoxyribonucleotide' (DC)(DT)(DG)(DG)(DG)(DG)(DA)(DC)(DT)(DT)(DT)(DC)(DC)(DA)(DG)(DG) A
2 'polydeoxyribonucleotide' (DC)(DC)(DT)(DG)(DG)(DA)(DA)(DA)(DG)(DT)(DC)(DC)(DC)(DC)(DA)(DG) B
#
loop_
_chem_comp.id
_chem_comp.type
_chem_comp.name
_chem_comp.formula
DA DNA linking 2'-DEOXYADENOSINE-5'-MONOPHOSPHATE 'C10 H14 N5 O6 P'
DC DNA linking 2'-DEOXYCYTIDINE-5'-MONOPHOSPHATE 'C9 H14 N3 O7 P'
DG DNA linking 2'-DEOXYGUANOSINE-5'-MONOPHOSPHATE 'C10 H14 N5 O7 P'
DT DNA linking THYMIDINE-5'-MONOPHOSPHATE 'C10 H15 N2 O8 P'
#